data_3OD0
#
_entry.id   3OD0
#
_cell.length_a   107.625
_cell.length_b   107.625
_cell.length_c   171.391
_cell.angle_alpha   90.00
_cell.angle_beta   90.00
_cell.angle_gamma   120.00
#
_symmetry.space_group_name_H-M   'P 62 2 2'
#
loop_
_entity.id
_entity.type
_entity.pdbx_description
1 polymer 'PRKG1 protein'
2 non-polymer 'CYCLIC GUANOSINE MONOPHOSPHATE'
3 water water
#
_entity_poly.entity_id   1
_entity_poly.type   'polypeptide(L)'
_entity_poly.pdbx_seq_one_letter_code
;GSGSHVTLPFYPKSPQSKDLIKEAILDNDFMKNLELSQIQEIVDCMYPVEYGKDSCIIKEGDVGSLVYVMEDGKVEVTKE
GVKLCTMGPGKVFGELAILYNCTRTATVKTLVNVKLWAIDRQCFQTIMMRTGLIKHTEY
;
_entity_poly.pdbx_strand_id   A,B
#
loop_
_chem_comp.id
_chem_comp.type
_chem_comp.name
_chem_comp.formula
PCG non-polymer 'CYCLIC GUANOSINE MONOPHOSPHATE' 'C10 H12 N5 O7 P'
#
# COMPACT_ATOMS: atom_id res chain seq x y z
N SER A 4 13.11 -14.10 -14.45
CA SER A 4 13.33 -12.84 -15.14
C SER A 4 12.14 -11.92 -14.94
N HIS A 5 11.23 -12.36 -14.07
CA HIS A 5 9.98 -11.67 -13.72
C HIS A 5 8.90 -12.73 -13.55
N VAL A 6 8.26 -12.70 -12.39
CA VAL A 6 7.28 -13.73 -12.01
C VAL A 6 5.89 -13.46 -12.57
N THR A 7 5.21 -14.54 -12.96
CA THR A 7 3.92 -14.46 -13.65
C THR A 7 2.73 -14.40 -12.71
N LEU A 8 1.90 -13.37 -12.84
CA LEU A 8 0.65 -13.33 -12.08
C LEU A 8 -0.37 -14.28 -12.70
N PRO A 9 -1.21 -14.90 -11.87
CA PRO A 9 -2.19 -15.84 -12.40
C PRO A 9 -3.37 -15.08 -13.00
N PHE A 10 -4.00 -15.68 -14.00
CA PHE A 10 -5.19 -15.10 -14.64
C PHE A 10 -6.45 -15.91 -14.31
N TYR A 11 -7.49 -15.23 -13.82
CA TYR A 11 -8.79 -15.86 -13.57
C TYR A 11 -9.87 -15.29 -14.52
N PRO A 12 -10.38 -16.11 -15.44
CA PRO A 12 -11.32 -15.57 -16.43
C PRO A 12 -12.68 -15.23 -15.81
N LYS A 13 -13.30 -14.13 -16.24
CA LYS A 13 -14.59 -13.73 -15.68
C LYS A 13 -15.61 -13.28 -16.74
N SER A 14 -16.88 -13.31 -16.37
CA SER A 14 -17.90 -12.74 -17.22
C SER A 14 -17.62 -11.25 -17.30
N PRO A 15 -17.88 -10.65 -18.46
CA PRO A 15 -17.80 -9.20 -18.63
C PRO A 15 -18.51 -8.48 -17.48
N GLN A 16 -19.74 -8.90 -17.18
CA GLN A 16 -20.50 -8.22 -16.16
C GLN A 16 -19.76 -8.23 -14.82
N SER A 17 -18.96 -9.27 -14.59
CA SER A 17 -18.17 -9.39 -13.36
C SER A 17 -17.04 -8.38 -13.35
N LYS A 18 -16.24 -8.37 -14.42
CA LYS A 18 -15.17 -7.39 -14.58
C LYS A 18 -15.70 -5.95 -14.37
N ASP A 19 -16.91 -5.67 -14.84
CA ASP A 19 -17.48 -4.34 -14.69
C ASP A 19 -17.76 -4.04 -13.23
N LEU A 20 -18.29 -5.03 -12.53
CA LEU A 20 -18.68 -4.87 -11.13
C LEU A 20 -17.47 -4.51 -10.28
N ILE A 21 -16.38 -5.22 -10.55
CA ILE A 21 -15.13 -5.07 -9.82
C ILE A 21 -14.56 -3.67 -10.01
N LYS A 22 -14.26 -3.32 -11.25
CA LYS A 22 -13.86 -1.96 -11.58
C LYS A 22 -14.69 -0.92 -10.81
N GLU A 23 -16.02 -1.02 -10.86
CA GLU A 23 -16.88 -0.03 -10.24
C GLU A 23 -16.76 -0.05 -8.71
N ALA A 24 -16.46 -1.21 -8.15
CA ALA A 24 -16.33 -1.35 -6.71
C ALA A 24 -15.08 -0.67 -6.20
N ILE A 25 -14.00 -0.76 -6.99
CA ILE A 25 -12.73 -0.10 -6.69
C ILE A 25 -12.87 1.40 -6.80
N LEU A 26 -13.37 1.86 -7.95
CA LEU A 26 -13.63 3.28 -8.17
C LEU A 26 -14.56 3.90 -7.16
N ASP A 27 -15.32 3.08 -6.45
CA ASP A 27 -16.22 3.60 -5.42
C ASP A 27 -15.54 3.64 -4.04
N ASN A 28 -14.33 3.05 -3.97
CA ASN A 28 -13.60 2.91 -2.72
C ASN A 28 -12.62 4.06 -2.45
N ASP A 29 -12.70 4.64 -1.25
CA ASP A 29 -11.96 5.87 -0.94
C ASP A 29 -10.46 5.71 -1.07
N PHE A 30 -9.93 4.59 -0.61
CA PHE A 30 -8.50 4.34 -0.68
C PHE A 30 -7.99 4.07 -2.10
N MET A 31 -8.84 3.55 -2.97
CA MET A 31 -8.32 3.07 -4.23
C MET A 31 -8.86 3.73 -5.49
N LYS A 32 -9.75 4.71 -5.34
CA LYS A 32 -10.34 5.29 -6.53
C LYS A 32 -9.35 5.89 -7.55
N ASN A 33 -8.14 6.17 -7.11
CA ASN A 33 -7.19 6.89 -7.97
C ASN A 33 -6.13 6.03 -8.64
N LEU A 34 -6.25 4.72 -8.53
CA LEU A 34 -5.26 3.87 -9.15
C LEU A 34 -5.30 4.06 -10.64
N GLU A 35 -4.17 3.77 -11.29
CA GLU A 35 -4.07 3.73 -12.73
C GLU A 35 -5.20 2.89 -13.25
N LEU A 36 -5.73 3.22 -14.43
CA LEU A 36 -6.72 2.33 -15.00
C LEU A 36 -6.04 1.05 -15.45
N SER A 37 -4.79 1.15 -15.89
CA SER A 37 -4.04 -0.03 -16.30
C SER A 37 -3.79 -0.98 -15.12
N GLN A 38 -3.70 -0.41 -13.92
CA GLN A 38 -3.44 -1.19 -12.70
C GLN A 38 -4.70 -1.89 -12.29
N ILE A 39 -5.82 -1.18 -12.40
CA ILE A 39 -7.11 -1.75 -12.08
C ILE A 39 -7.45 -2.93 -13.00
N GLN A 40 -7.24 -2.76 -14.29
CA GLN A 40 -7.41 -3.86 -15.22
C GLN A 40 -6.67 -5.09 -14.71
N GLU A 41 -5.44 -4.91 -14.25
CA GLU A 41 -4.60 -6.04 -13.89
C GLU A 41 -5.12 -6.70 -12.62
N ILE A 42 -5.68 -5.89 -11.73
CA ILE A 42 -6.23 -6.40 -10.48
C ILE A 42 -7.40 -7.29 -10.78
N VAL A 43 -8.21 -6.86 -11.73
CA VAL A 43 -9.43 -7.56 -12.10
C VAL A 43 -9.13 -8.97 -12.61
N ASP A 44 -8.08 -9.11 -13.41
CA ASP A 44 -7.75 -10.42 -13.96
C ASP A 44 -7.13 -11.35 -12.89
N CYS A 45 -6.67 -10.78 -11.79
CA CYS A 45 -6.01 -11.57 -10.75
C CYS A 45 -6.97 -12.06 -9.71
N MET A 46 -8.06 -11.34 -9.49
CA MET A 46 -9.00 -11.74 -8.45
C MET A 46 -9.59 -13.10 -8.72
N TYR A 47 -9.57 -13.96 -7.71
CA TYR A 47 -10.19 -15.27 -7.83
C TYR A 47 -11.45 -15.27 -6.97
N PRO A 48 -12.32 -16.25 -7.20
CA PRO A 48 -13.63 -16.30 -6.53
C PRO A 48 -13.63 -17.17 -5.30
N VAL A 49 -14.49 -16.81 -4.36
CA VAL A 49 -14.61 -17.53 -3.11
C VAL A 49 -16.04 -17.37 -2.65
N GLU A 50 -16.60 -18.40 -2.03
CA GLU A 50 -18.00 -18.35 -1.63
C GLU A 50 -18.11 -18.68 -0.14
N TYR A 51 -19.00 -17.98 0.56
CA TYR A 51 -19.26 -18.26 1.98
C TYR A 51 -20.76 -18.46 2.22
N GLY A 52 -21.10 -19.29 3.20
CA GLY A 52 -22.50 -19.54 3.54
C GLY A 52 -22.98 -18.51 4.54
N LYS A 53 -24.28 -18.42 4.80
CA LYS A 53 -24.74 -17.45 5.79
C LYS A 53 -24.25 -17.76 7.21
N ASP A 54 -24.32 -16.78 8.09
CA ASP A 54 -23.67 -16.85 9.41
C ASP A 54 -22.27 -17.47 9.32
N SER A 55 -21.55 -17.08 8.26
CA SER A 55 -20.10 -17.32 8.15
C SER A 55 -19.34 -16.02 8.50
N CYS A 56 -18.22 -16.16 9.20
CA CYS A 56 -17.38 -15.02 9.51
C CYS A 56 -16.14 -14.93 8.60
N ILE A 57 -16.15 -13.94 7.70
CA ILE A 57 -15.11 -13.77 6.71
C ILE A 57 -13.81 -13.20 7.28
N ILE A 58 -13.94 -12.06 7.97
CA ILE A 58 -12.82 -11.33 8.60
C ILE A 58 -13.06 -11.10 10.09
N LYS A 59 -12.07 -11.40 10.92
CA LYS A 59 -12.20 -11.16 12.37
C LYS A 59 -11.31 -9.98 12.75
N GLU A 60 -11.92 -8.92 13.29
CA GLU A 60 -11.14 -7.77 13.72
C GLU A 60 -10.00 -8.19 14.64
N GLY A 61 -8.87 -7.51 14.52
CA GLY A 61 -7.68 -7.89 15.26
C GLY A 61 -6.77 -8.81 14.50
N ASP A 62 -7.34 -9.72 13.70
CA ASP A 62 -6.56 -10.69 12.92
C ASP A 62 -5.53 -10.04 11.98
N VAL A 63 -4.51 -10.79 11.61
CA VAL A 63 -3.62 -10.36 10.55
C VAL A 63 -4.37 -10.54 9.25
N GLY A 64 -4.15 -9.64 8.28
CA GLY A 64 -4.95 -9.70 7.07
C GLY A 64 -4.29 -9.20 5.80
N SER A 65 -4.18 -10.08 4.81
CA SER A 65 -3.68 -9.72 3.48
C SER A 65 -4.81 -9.38 2.53
N LEU A 66 -5.76 -10.32 2.42
CA LEU A 66 -6.68 -10.36 1.30
C LEU A 66 -7.61 -9.17 1.25
N VAL A 67 -7.89 -8.75 0.01
CA VAL A 67 -8.87 -7.71 -0.25
C VAL A 67 -9.98 -8.33 -1.05
N TYR A 68 -11.22 -7.94 -0.75
CA TYR A 68 -12.42 -8.55 -1.32
C TYR A 68 -13.34 -7.57 -2.02
N VAL A 69 -13.96 -8.04 -3.10
CA VAL A 69 -15.14 -7.37 -3.67
C VAL A 69 -16.33 -8.31 -3.58
N MET A 70 -17.47 -7.79 -3.19
CA MET A 70 -18.66 -8.61 -3.11
C MET A 70 -19.37 -8.69 -4.46
N GLU A 71 -19.68 -9.89 -4.94
CA GLU A 71 -20.49 -10.00 -6.16
C GLU A 71 -21.97 -10.25 -5.85
N ASP A 72 -22.24 -11.26 -5.03
CA ASP A 72 -23.60 -11.55 -4.60
C ASP A 72 -23.63 -11.59 -3.11
N GLY A 73 -24.80 -11.30 -2.55
CA GLY A 73 -24.98 -11.48 -1.12
C GLY A 73 -24.97 -10.20 -0.34
N LYS A 74 -24.62 -10.31 0.93
CA LYS A 74 -24.72 -9.20 1.86
C LYS A 74 -24.07 -9.54 3.20
N VAL A 75 -23.26 -8.61 3.71
CA VAL A 75 -22.55 -8.80 4.98
C VAL A 75 -22.81 -7.67 5.96
N GLU A 76 -22.46 -7.91 7.20
CA GLU A 76 -22.58 -6.88 8.22
C GLU A 76 -21.24 -6.68 8.90
N VAL A 77 -20.89 -5.39 9.05
CA VAL A 77 -19.63 -4.99 9.62
C VAL A 77 -19.80 -4.54 11.07
N THR A 78 -19.07 -5.18 11.97
CA THR A 78 -19.14 -4.81 13.38
C THR A 78 -17.75 -4.56 13.94
N LYS A 79 -17.67 -3.59 14.86
CA LYS A 79 -16.44 -3.30 15.60
C LYS A 79 -16.74 -3.24 17.11
N GLU A 80 -15.97 -3.99 17.89
CA GLU A 80 -16.09 -4.02 19.35
C GLU A 80 -17.52 -4.30 19.85
N GLY A 81 -18.39 -4.70 18.94
CA GLY A 81 -19.76 -5.06 19.29
C GLY A 81 -20.83 -4.35 18.48
N VAL A 82 -20.46 -3.26 17.82
CA VAL A 82 -21.43 -2.36 17.20
C VAL A 82 -21.60 -2.54 15.69
N LYS A 83 -22.83 -2.61 15.19
CA LYS A 83 -23.02 -2.64 13.75
C LYS A 83 -22.54 -1.31 13.19
N LEU A 84 -21.72 -1.36 12.16
CA LEU A 84 -21.25 -0.12 11.53
C LEU A 84 -22.04 0.10 10.25
N CYS A 85 -22.34 -0.98 9.57
CA CYS A 85 -23.09 -0.91 8.33
C CYS A 85 -23.31 -2.31 7.82
N THR A 86 -23.99 -2.39 6.68
CA THR A 86 -24.03 -3.61 5.90
C THR A 86 -23.52 -3.26 4.52
N MET A 87 -23.12 -4.27 3.76
CA MET A 87 -22.56 -4.05 2.43
C MET A 87 -23.14 -5.06 1.46
N GLY A 88 -23.55 -4.59 0.30
CA GLY A 88 -24.11 -5.46 -0.70
C GLY A 88 -23.13 -5.51 -1.82
N PRO A 89 -23.51 -6.13 -2.94
CA PRO A 89 -22.65 -6.20 -4.12
C PRO A 89 -22.09 -4.82 -4.49
N GLY A 90 -20.97 -4.83 -5.21
CA GLY A 90 -20.35 -3.61 -5.70
C GLY A 90 -19.42 -2.89 -4.75
N LYS A 91 -19.25 -3.43 -3.54
CA LYS A 91 -18.43 -2.79 -2.51
C LYS A 91 -17.13 -3.53 -2.23
N VAL A 92 -16.03 -2.79 -2.12
CA VAL A 92 -14.76 -3.30 -1.61
C VAL A 92 -14.70 -3.28 -0.09
N PHE A 93 -14.17 -4.36 0.47
CA PHE A 93 -13.83 -4.36 1.89
C PHE A 93 -12.55 -5.18 2.08
N GLY A 94 -11.85 -4.94 3.20
CA GLY A 94 -10.60 -5.62 3.47
C GLY A 94 -9.36 -4.84 3.07
N GLU A 95 -9.57 -3.61 2.60
CA GLU A 95 -8.46 -2.80 2.13
C GLU A 95 -7.68 -2.18 3.29
N LEU A 96 -8.41 -1.72 4.30
CA LEU A 96 -7.86 -1.08 5.52
C LEU A 96 -6.78 -1.87 6.28
N ALA A 97 -6.68 -3.18 6.09
CA ALA A 97 -5.70 -3.93 6.88
C ALA A 97 -4.34 -3.27 6.70
N ILE A 98 -3.92 -3.14 5.44
CA ILE A 98 -2.57 -2.69 5.12
C ILE A 98 -2.25 -1.34 5.77
N LEU A 99 -3.20 -0.41 5.71
CA LEU A 99 -3.06 0.93 6.29
C LEU A 99 -3.01 0.95 7.81
N TYR A 100 -3.36 -0.17 8.44
CA TYR A 100 -3.28 -0.26 9.89
C TYR A 100 -2.40 -1.42 10.31
N ASN A 101 -1.31 -1.62 9.59
CA ASN A 101 -0.28 -2.53 10.05
C ASN A 101 -0.72 -3.96 9.86
N CYS A 102 -1.25 -4.22 8.67
CA CYS A 102 -1.78 -5.53 8.32
C CYS A 102 -2.65 -6.15 9.40
N THR A 103 -3.35 -5.32 10.17
CA THR A 103 -4.32 -5.85 11.12
C THR A 103 -5.76 -5.42 10.78
N ARG A 104 -6.64 -6.42 10.64
CA ARG A 104 -8.04 -6.20 10.35
C ARG A 104 -8.62 -5.19 11.33
N THR A 105 -9.37 -4.20 10.84
CA THR A 105 -9.90 -3.14 11.71
C THR A 105 -11.35 -3.29 12.15
N ALA A 106 -12.07 -4.24 11.56
CA ALA A 106 -13.44 -4.58 11.92
C ALA A 106 -13.73 -6.02 11.49
N THR A 107 -14.78 -6.64 12.04
CA THR A 107 -15.15 -8.01 11.63
C THR A 107 -16.27 -8.00 10.60
N VAL A 108 -16.18 -8.92 9.65
CA VAL A 108 -17.20 -9.01 8.61
C VAL A 108 -17.90 -10.37 8.66
N LYS A 109 -19.20 -10.37 8.94
CA LYS A 109 -19.98 -11.59 8.98
C LYS A 109 -20.97 -11.63 7.81
N THR A 110 -21.30 -12.83 7.33
CA THR A 110 -22.29 -12.96 6.26
C THR A 110 -23.71 -13.13 6.80
N LEU A 111 -24.62 -12.34 6.26
CA LEU A 111 -26.02 -12.37 6.67
C LEU A 111 -26.76 -13.40 5.84
N VAL A 112 -26.27 -13.61 4.62
CA VAL A 112 -26.81 -14.60 3.69
C VAL A 112 -25.64 -15.31 3.00
N ASN A 113 -25.93 -16.20 2.03
CA ASN A 113 -24.84 -16.75 1.24
C ASN A 113 -24.21 -15.63 0.45
N VAL A 114 -22.90 -15.65 0.32
CA VAL A 114 -22.25 -14.61 -0.46
C VAL A 114 -21.27 -15.20 -1.47
N LYS A 115 -21.09 -14.47 -2.56
CA LYS A 115 -20.11 -14.79 -3.59
C LYS A 115 -19.17 -13.59 -3.73
N LEU A 116 -17.87 -13.82 -3.54
CA LEU A 116 -16.86 -12.75 -3.51
C LEU A 116 -15.77 -12.97 -4.54
N TRP A 117 -14.97 -11.93 -4.72
CA TRP A 117 -13.72 -12.02 -5.42
C TRP A 117 -12.65 -11.57 -4.46
N ALA A 118 -11.46 -12.12 -4.57
CA ALA A 118 -10.42 -11.78 -3.63
C ALA A 118 -9.10 -11.57 -4.33
N ILE A 119 -8.16 -10.86 -3.70
CA ILE A 119 -6.79 -10.78 -4.20
C ILE A 119 -5.80 -10.57 -3.06
N ASP A 120 -4.67 -11.25 -3.14
CA ASP A 120 -3.72 -11.24 -2.02
C ASP A 120 -2.69 -10.13 -2.09
N ARG A 121 -2.38 -9.58 -0.92
CA ARG A 121 -1.20 -8.76 -0.69
C ARG A 121 -0.16 -8.86 -1.84
N GLN A 122 0.41 -10.05 -2.04
CA GLN A 122 1.48 -10.23 -3.03
C GLN A 122 1.18 -9.84 -4.49
N CYS A 123 0.09 -10.36 -5.05
CA CYS A 123 -0.31 -9.95 -6.39
C CYS A 123 -0.38 -8.44 -6.44
N PHE A 124 -1.11 -7.91 -5.47
CA PHE A 124 -1.31 -6.48 -5.35
C PHE A 124 -0.03 -5.65 -5.47
N GLN A 125 1.01 -6.09 -4.77
CA GLN A 125 2.25 -5.34 -4.71
C GLN A 125 3.00 -5.32 -6.04
N THR A 126 3.04 -6.46 -6.72
CA THR A 126 3.65 -6.52 -8.03
C THR A 126 2.99 -5.51 -8.96
N ILE A 127 1.66 -5.56 -9.01
CA ILE A 127 0.87 -4.67 -9.83
C ILE A 127 1.24 -3.21 -9.57
N MET A 128 1.17 -2.80 -8.31
CA MET A 128 1.53 -1.45 -7.90
C MET A 128 2.90 -0.95 -8.37
N MET A 129 3.77 -1.84 -8.86
CA MET A 129 5.03 -1.43 -9.47
C MET A 129 5.00 -1.63 -11.00
N ARG A 130 3.90 -1.19 -11.62
CA ARG A 130 3.71 -1.23 -13.08
C ARG A 130 2.90 -0.01 -13.58
N SER B 4 15.63 15.51 -26.79
CA SER B 4 15.77 16.34 -25.61
C SER B 4 15.01 15.81 -24.40
N HIS B 5 15.63 14.91 -23.64
CA HIS B 5 15.03 14.29 -22.44
C HIS B 5 15.60 14.91 -21.15
N VAL B 6 14.79 14.92 -20.08
CA VAL B 6 15.18 15.53 -18.79
C VAL B 6 16.34 14.80 -18.06
N THR B 7 17.19 15.57 -17.36
CA THR B 7 18.31 15.03 -16.59
C THR B 7 18.02 14.92 -15.09
N LEU B 8 18.02 13.70 -14.56
CA LEU B 8 17.74 13.48 -13.14
C LEU B 8 18.92 13.96 -12.31
N PRO B 9 18.65 14.51 -11.12
CA PRO B 9 19.75 15.01 -10.29
C PRO B 9 20.62 13.88 -9.70
N PHE B 10 21.83 14.24 -9.34
CA PHE B 10 22.78 13.32 -8.74
C PHE B 10 23.32 13.86 -7.42
N TYR B 11 23.03 13.13 -6.34
CA TYR B 11 23.55 13.46 -5.01
C TYR B 11 24.64 12.44 -4.59
N PRO B 12 25.90 12.90 -4.53
CA PRO B 12 27.08 12.05 -4.23
C PRO B 12 27.00 11.47 -2.83
N LYS B 13 27.49 10.25 -2.63
CA LYS B 13 27.21 9.50 -1.41
C LYS B 13 28.33 8.55 -0.99
N SER B 14 28.42 8.27 0.32
CA SER B 14 29.38 7.29 0.84
C SER B 14 28.93 5.85 0.57
N PRO B 15 29.80 5.04 -0.06
CA PRO B 15 29.47 3.66 -0.39
C PRO B 15 28.70 2.97 0.74
N GLN B 16 29.06 3.28 1.98
CA GLN B 16 28.32 2.78 3.13
C GLN B 16 26.84 3.14 3.04
N SER B 17 26.58 4.41 2.73
CA SER B 17 25.22 4.93 2.54
C SER B 17 24.52 4.35 1.29
N LYS B 18 25.23 4.29 0.18
CA LYS B 18 24.67 3.63 -0.99
C LYS B 18 24.21 2.20 -0.68
N ASP B 19 24.84 1.53 0.28
CA ASP B 19 24.45 0.15 0.58
C ASP B 19 23.26 0.16 1.50
N LEU B 20 23.31 0.98 2.53
CA LEU B 20 22.16 1.10 3.41
C LEU B 20 20.90 1.31 2.57
N ILE B 21 20.98 2.20 1.60
CA ILE B 21 19.79 2.54 0.82
C ILE B 21 19.29 1.33 0.06
N LYS B 22 20.18 0.76 -0.75
CA LYS B 22 19.94 -0.48 -1.47
C LYS B 22 19.23 -1.53 -0.61
N GLU B 23 19.81 -1.85 0.55
CA GLU B 23 19.16 -2.80 1.47
C GLU B 23 17.74 -2.36 1.82
N ALA B 24 17.56 -1.07 2.06
CA ALA B 24 16.30 -0.53 2.55
C ALA B 24 15.21 -0.74 1.53
N ILE B 25 15.62 -0.62 0.27
CA ILE B 25 14.74 -0.80 -0.87
C ILE B 25 14.30 -2.26 -1.04
N LEU B 26 15.27 -3.16 -1.01
CA LEU B 26 15.01 -4.59 -1.08
C LEU B 26 14.17 -5.09 0.08
N ASP B 27 14.22 -4.41 1.22
CA ASP B 27 13.47 -4.84 2.38
C ASP B 27 12.01 -4.40 2.25
N ASN B 28 11.74 -3.52 1.29
CA ASN B 28 10.40 -2.97 1.14
C ASN B 28 9.49 -3.81 0.23
N ASP B 29 8.31 -4.16 0.73
CA ASP B 29 7.40 -5.06 0.03
C ASP B 29 7.23 -4.69 -1.44
N PHE B 30 6.98 -3.42 -1.68
CA PHE B 30 6.73 -2.93 -3.03
C PHE B 30 7.99 -2.83 -3.88
N MET B 31 9.06 -2.32 -3.29
CA MET B 31 10.26 -1.96 -4.05
C MET B 31 11.20 -3.12 -4.30
N LYS B 32 11.10 -4.18 -3.47
CA LYS B 32 11.72 -5.47 -3.74
C LYS B 32 11.70 -5.69 -5.24
N ASN B 33 10.56 -5.31 -5.83
CA ASN B 33 10.20 -5.64 -7.21
C ASN B 33 11.03 -4.99 -8.30
N LEU B 34 11.72 -3.88 -7.97
CA LEU B 34 12.47 -3.16 -8.99
C LEU B 34 13.66 -3.92 -9.58
N GLU B 35 13.95 -3.64 -10.83
CA GLU B 35 15.14 -4.19 -11.46
C GLU B 35 16.28 -3.46 -10.78
N LEU B 36 17.48 -4.01 -10.87
CA LEU B 36 18.63 -3.42 -10.18
C LEU B 36 19.08 -2.12 -10.81
N SER B 37 19.00 -2.04 -12.14
CA SER B 37 19.42 -0.86 -12.86
C SER B 37 18.70 0.35 -12.27
N GLN B 38 17.45 0.13 -11.85
CA GLN B 38 16.55 1.18 -11.38
C GLN B 38 16.81 1.52 -9.93
N ILE B 39 17.07 0.50 -9.13
CA ILE B 39 17.37 0.73 -7.73
C ILE B 39 18.65 1.57 -7.61
N GLN B 40 19.55 1.41 -8.57
CA GLN B 40 20.76 2.22 -8.62
C GLN B 40 20.44 3.68 -8.97
N GLU B 41 19.51 3.91 -9.89
CA GLU B 41 19.15 5.27 -10.29
C GLU B 41 18.55 6.01 -9.12
N ILE B 42 17.73 5.31 -8.35
CA ILE B 42 17.05 5.84 -7.20
C ILE B 42 18.02 6.18 -6.10
N VAL B 43 19.00 5.33 -5.93
CA VAL B 43 20.03 5.57 -4.95
C VAL B 43 20.78 6.87 -5.28
N ASP B 44 21.00 7.14 -6.55
CA ASP B 44 21.71 8.37 -6.90
C ASP B 44 20.88 9.65 -6.83
N CYS B 45 19.55 9.51 -6.79
CA CYS B 45 18.64 10.65 -6.73
C CYS B 45 18.23 10.99 -5.29
N MET B 46 18.73 10.23 -4.32
CA MET B 46 18.36 10.51 -2.94
C MET B 46 19.23 11.61 -2.35
N TYR B 47 18.61 12.50 -1.59
CA TYR B 47 19.32 13.61 -0.99
C TYR B 47 19.10 13.57 0.52
N PRO B 48 20.08 14.04 1.28
CA PRO B 48 20.00 13.89 2.73
C PRO B 48 19.17 14.97 3.39
N VAL B 49 18.47 14.59 4.46
CA VAL B 49 17.73 15.55 5.26
C VAL B 49 17.75 15.04 6.70
N GLU B 50 17.86 15.95 7.68
CA GLU B 50 17.85 15.57 9.10
C GLU B 50 16.69 16.25 9.83
N TYR B 51 16.16 15.57 10.84
CA TYR B 51 15.14 16.17 11.71
C TYR B 51 15.51 15.94 13.15
N GLY B 52 15.08 16.82 14.03
CA GLY B 52 15.39 16.65 15.43
C GLY B 52 14.39 15.75 16.09
N LYS B 53 14.66 15.38 17.34
CA LYS B 53 13.70 14.69 18.20
C LYS B 53 12.38 15.48 18.17
N ASP B 54 11.26 14.78 18.37
CA ASP B 54 9.92 15.40 18.41
C ASP B 54 9.52 16.26 17.20
N SER B 55 9.92 15.84 16.01
CA SER B 55 9.54 16.52 14.78
C SER B 55 8.45 15.72 14.08
N CYS B 56 7.59 16.40 13.35
CA CYS B 56 6.59 15.69 12.55
C CYS B 56 6.92 15.67 11.04
N ILE B 57 7.56 14.60 10.58
CA ILE B 57 7.94 14.50 9.17
C ILE B 57 6.75 14.45 8.22
N ILE B 58 5.84 13.50 8.45
CA ILE B 58 4.66 13.30 7.61
C ILE B 58 3.35 13.45 8.42
N LYS B 59 2.39 14.17 7.86
CA LYS B 59 1.07 14.30 8.49
C LYS B 59 0.03 13.61 7.62
N GLU B 60 -0.66 12.64 8.20
CA GLU B 60 -1.70 11.91 7.49
C GLU B 60 -2.70 12.91 6.92
N GLY B 61 -3.09 12.72 5.67
CA GLY B 61 -4.05 13.59 5.02
C GLY B 61 -3.42 14.55 4.05
N ASP B 62 -2.20 14.97 4.34
CA ASP B 62 -1.46 15.86 3.44
C ASP B 62 -1.15 15.19 2.10
N VAL B 63 -0.68 16.00 1.16
CA VAL B 63 -0.25 15.48 -0.13
C VAL B 63 1.17 14.95 -0.05
N GLY B 64 1.42 13.83 -0.72
CA GLY B 64 2.71 13.19 -0.65
C GLY B 64 3.57 13.47 -1.86
N SER B 65 4.78 13.98 -1.63
CA SER B 65 5.68 14.29 -2.74
C SER B 65 7.02 13.57 -2.63
N LEU B 66 7.42 13.22 -1.42
CA LEU B 66 8.73 12.59 -1.25
C LEU B 66 8.59 11.19 -0.69
N VAL B 67 9.58 10.36 -1.01
CA VAL B 67 9.73 9.07 -0.36
C VAL B 67 11.08 8.96 0.33
N TYR B 68 11.06 8.40 1.53
CA TYR B 68 12.20 8.41 2.44
C TYR B 68 12.78 7.05 2.74
N VAL B 69 14.06 7.05 3.08
CA VAL B 69 14.72 5.91 3.70
C VAL B 69 15.47 6.41 4.94
N MET B 70 15.27 5.74 6.06
CA MET B 70 15.92 6.16 7.30
C MET B 70 17.34 5.62 7.41
N GLU B 71 18.29 6.45 7.82
CA GLU B 71 19.66 5.97 8.00
C GLU B 71 20.06 5.84 9.47
N ASP B 72 19.65 6.82 10.28
CA ASP B 72 19.89 6.82 11.73
C ASP B 72 18.62 7.31 12.42
N GLY B 73 18.39 6.84 13.64
CA GLY B 73 17.23 7.30 14.38
C GLY B 73 16.09 6.31 14.44
N LYS B 74 15.01 6.72 15.09
CA LYS B 74 13.86 5.86 15.29
C LYS B 74 12.67 6.76 15.13
N VAL B 75 11.68 6.31 14.36
CA VAL B 75 10.50 7.11 14.08
C VAL B 75 9.23 6.35 14.48
N GLU B 76 8.16 7.06 14.85
CA GLU B 76 6.92 6.41 15.30
C GLU B 76 5.70 6.71 14.47
N VAL B 77 5.17 5.68 13.81
CA VAL B 77 4.00 5.80 12.93
C VAL B 77 2.70 5.77 13.70
N THR B 78 1.75 6.62 13.31
CA THR B 78 0.43 6.62 13.91
C THR B 78 -0.67 6.89 12.86
N LYS B 79 -1.86 6.37 13.12
CA LYS B 79 -3.02 6.68 12.29
C LYS B 79 -4.22 7.00 13.18
N GLU B 80 -4.92 8.07 12.83
CA GLU B 80 -6.03 8.59 13.62
C GLU B 80 -5.78 8.48 15.13
N GLY B 81 -4.53 8.69 15.54
CA GLY B 81 -4.20 8.76 16.94
C GLY B 81 -3.84 7.44 17.60
N VAL B 82 -3.30 6.49 16.84
CA VAL B 82 -2.89 5.23 17.46
C VAL B 82 -1.57 4.64 16.97
N LYS B 83 -0.64 4.50 17.91
CA LYS B 83 0.67 3.92 17.61
C LYS B 83 0.48 2.63 16.82
N LEU B 84 0.85 2.67 15.54
CA LEU B 84 0.88 1.47 14.71
C LEU B 84 2.22 0.75 14.89
N CYS B 85 3.32 1.44 14.56
CA CYS B 85 4.65 0.86 14.77
C CYS B 85 5.74 1.89 15.05
N THR B 86 6.98 1.41 15.11
CA THR B 86 8.15 2.26 15.13
C THR B 86 9.08 1.74 14.04
N MET B 87 9.95 2.59 13.50
CA MET B 87 10.86 2.15 12.45
C MET B 87 12.31 2.59 12.66
N GLY B 88 13.25 1.67 12.44
CA GLY B 88 14.66 1.97 12.65
C GLY B 88 15.35 2.25 11.34
N PRO B 89 16.69 2.33 11.38
CA PRO B 89 17.48 2.45 10.14
C PRO B 89 17.18 1.32 9.17
N GLY B 90 17.48 1.52 7.88
CA GLY B 90 17.27 0.51 6.85
C GLY B 90 15.86 0.39 6.26
N LYS B 91 14.89 1.01 6.90
CA LYS B 91 13.49 0.97 6.48
C LYS B 91 13.06 2.15 5.59
N VAL B 92 12.36 1.83 4.49
CA VAL B 92 11.73 2.80 3.60
C VAL B 92 10.37 3.29 4.12
N PHE B 93 9.98 4.52 3.80
CA PHE B 93 8.63 4.97 4.13
C PHE B 93 8.15 6.22 3.39
N GLY B 94 6.84 6.44 3.41
CA GLY B 94 6.19 7.45 2.60
C GLY B 94 6.00 7.01 1.16
N GLU B 95 5.96 5.70 0.94
CA GLU B 95 5.81 5.18 -0.42
C GLU B 95 4.35 4.91 -0.76
N LEU B 96 3.52 4.76 0.26
CA LEU B 96 2.10 4.52 0.01
C LEU B 96 1.49 5.64 -0.82
N ALA B 97 1.38 6.83 -0.26
CA ALA B 97 0.70 7.91 -0.98
C ALA B 97 1.15 7.99 -2.44
N ILE B 98 2.41 7.69 -2.71
CA ILE B 98 2.91 7.81 -4.09
C ILE B 98 2.36 6.70 -4.99
N LEU B 99 2.37 5.47 -4.49
CA LEU B 99 2.00 4.31 -5.29
C LEU B 99 0.47 4.18 -5.46
N TYR B 100 -0.25 4.46 -4.39
CA TYR B 100 -1.70 4.40 -4.41
C TYR B 100 -2.26 5.71 -4.90
N ASN B 101 -1.39 6.61 -5.31
CA ASN B 101 -1.81 7.91 -5.74
C ASN B 101 -2.90 8.49 -4.81
N CYS B 102 -2.64 8.47 -3.50
CA CYS B 102 -3.55 9.06 -2.52
C CYS B 102 -2.88 10.08 -1.58
N THR B 103 -3.59 10.50 -0.53
CA THR B 103 -3.06 11.40 0.47
C THR B 103 -2.34 10.59 1.54
N ARG B 104 -1.35 11.18 2.21
CA ARG B 104 -0.59 10.48 3.24
C ARG B 104 -1.51 9.66 4.13
N THR B 105 -1.20 8.37 4.28
CA THR B 105 -2.10 7.45 4.95
C THR B 105 -1.85 7.32 6.45
N ALA B 106 -0.71 7.84 6.91
CA ALA B 106 -0.41 7.85 8.34
C ALA B 106 0.44 9.04 8.66
N THR B 107 0.48 9.40 9.95
CA THR B 107 1.40 10.40 10.47
C THR B 107 2.72 9.76 10.94
N VAL B 108 3.85 10.40 10.68
CA VAL B 108 5.15 9.87 11.10
C VAL B 108 5.95 10.87 11.94
N LYS B 109 6.15 10.60 13.23
CA LYS B 109 6.89 11.51 14.13
C LYS B 109 8.22 10.89 14.61
N THR B 110 9.25 11.74 14.78
CA THR B 110 10.58 11.28 15.25
C THR B 110 10.62 11.07 16.75
N LEU B 111 11.24 9.99 17.16
CA LEU B 111 11.45 9.70 18.58
C LEU B 111 12.81 10.24 19.06
N VAL B 112 13.75 10.30 18.12
CA VAL B 112 15.09 10.83 18.34
C VAL B 112 15.54 11.59 17.09
N ASN B 113 16.68 12.27 17.17
CA ASN B 113 17.25 12.91 16.00
C ASN B 113 17.44 11.84 14.93
N VAL B 114 17.01 12.13 13.70
CA VAL B 114 17.13 11.19 12.58
C VAL B 114 17.88 11.79 11.40
N LYS B 115 18.50 10.91 10.62
CA LYS B 115 19.11 11.29 9.35
C LYS B 115 18.41 10.40 8.32
N LEU B 116 17.87 11.03 7.28
CA LEU B 116 17.15 10.34 6.20
C LEU B 116 17.73 10.64 4.84
N TRP B 117 17.31 9.86 3.86
CA TRP B 117 17.51 10.19 2.47
C TRP B 117 16.15 10.35 1.84
N ALA B 118 16.05 11.18 0.81
CA ALA B 118 14.76 11.44 0.16
C ALA B 118 14.88 11.48 -1.35
N ILE B 119 13.91 10.88 -2.03
CA ILE B 119 13.80 11.02 -3.47
C ILE B 119 12.42 11.61 -3.69
N ASP B 120 12.29 12.55 -4.62
CA ASP B 120 10.97 13.13 -4.85
C ASP B 120 10.18 12.43 -5.96
N ARG B 121 8.85 12.45 -5.80
CA ARG B 121 7.91 11.87 -6.77
C ARG B 121 8.46 12.01 -8.19
N GLN B 122 8.83 13.22 -8.59
CA GLN B 122 9.39 13.47 -9.92
C GLN B 122 10.35 12.37 -10.34
N CYS B 123 11.52 12.33 -9.71
CA CYS B 123 12.61 11.40 -10.07
C CYS B 123 12.18 9.96 -9.92
N PHE B 124 11.42 9.73 -8.87
CA PHE B 124 10.96 8.40 -8.55
C PHE B 124 10.16 7.80 -9.70
N GLN B 125 9.13 8.50 -10.14
CA GLN B 125 8.31 7.97 -11.20
C GLN B 125 9.09 7.87 -12.51
N THR B 126 9.73 8.96 -12.91
CA THR B 126 10.63 8.95 -14.06
C THR B 126 11.46 7.69 -14.17
N ILE B 127 11.84 7.14 -13.02
CA ILE B 127 12.72 5.98 -12.99
C ILE B 127 11.96 4.67 -13.26
N MET B 128 10.74 4.58 -12.75
CA MET B 128 9.90 3.40 -12.95
C MET B 128 9.43 3.22 -14.41
N MET B 129 9.95 4.04 -15.31
CA MET B 129 9.46 4.06 -16.69
C MET B 129 10.57 3.86 -17.73
N ARG B 130 11.13 2.64 -17.74
CA ARG B 130 12.20 2.26 -18.67
C ARG B 130 12.14 0.78 -19.04
PA PCG C . -10.27 -4.32 6.94
O1A PCG C . -9.22 -5.11 6.18
O2A PCG C . -9.93 -3.48 8.14
O5' PCG C . -11.32 -5.37 7.53
C5' PCG C . -12.62 -4.94 7.91
C4' PCG C . -13.17 -4.20 6.71
O4' PCG C . -14.48 -3.69 6.90
C3' PCG C . -12.38 -2.96 6.42
O3' PCG C . -11.12 -3.39 5.93
C2' PCG C . -13.29 -2.21 5.48
O2' PCG C . -13.04 -2.55 4.12
C1' PCG C . -14.69 -2.68 5.90
N9 PCG C . -15.50 -1.57 6.46
C8 PCG C . -16.67 -1.08 6.00
N7 PCG C . -17.13 -0.05 6.77
C5 PCG C . -16.23 0.10 7.76
C6 PCG C . -16.07 0.98 8.94
O6 PCG C . -16.94 1.86 9.19
N1 PCG C . -14.99 0.81 9.72
C2 PCG C . -14.05 -0.14 9.47
N2 PCG C . -12.96 -0.29 10.28
N3 PCG C . -14.14 -0.99 8.41
C4 PCG C . -15.18 -0.92 7.55
PA PCG D . 2.57 7.14 3.36
O1A PCG D . 3.15 7.80 2.15
O2A PCG D . 1.08 6.91 3.47
O5' PCG D . 2.88 7.96 4.72
C5' PCG D . 3.05 7.29 5.98
C4' PCG D . 4.01 6.15 5.72
O4' PCG D . 4.26 5.34 6.86
C3' PCG D . 3.41 5.14 4.77
O3' PCG D . 3.37 5.75 3.49
C2' PCG D . 4.24 3.89 4.96
O2' PCG D . 5.44 3.85 4.19
C1' PCG D . 4.66 4.04 6.41
N9 PCG D . 4.01 3.05 7.29
C8 PCG D . 4.63 2.15 8.06
N7 PCG D . 3.74 1.41 8.79
C5 PCG D . 2.50 1.86 8.47
C6 PCG D . 1.11 1.53 8.87
O6 PCG D . 0.90 0.63 9.70
N1 PCG D . 0.11 2.24 8.32
C2 PCG D . 0.32 3.22 7.41
N2 PCG D . -0.76 3.89 6.90
N3 PCG D . 1.57 3.58 7.01
C4 PCG D . 2.68 2.96 7.49
#